data_4I4E
#
_entry.id   4I4E
#
_cell.length_a   45.584
_cell.length_b   47.339
_cell.length_c   62.686
_cell.angle_alpha   90.00
_cell.angle_beta   98.99
_cell.angle_gamma   90.00
#
_symmetry.space_group_name_H-M   'P 1 21 1'
#
loop_
_entity.id
_entity.type
_entity.pdbx_description
1 polymer 'Focal adhesion kinase 1'
2 non-polymer [4-(2-hydroxyethyl)piperidin-1-yl][4-(5-methyl-4,4-dioxido-1,5-dihydropyrazolo[4,3-c][2,1]benzothiazin-8-yl)phenyl]methanone
3 water water
#
_entity_poly.entity_id   1
_entity_poly.type   'polypeptide(L)'
_entity_poly.pdbx_seq_one_letter_code
;GAMGSSTRDYEIQRERIELGRCIGEGQFGDVHQGIYMSPENPALAVAIKTCKNCTSDSVREKFLQEALTMRQFDHPHIVK
LIGVITENPVWIIMELCTLGELRSFLQVRKYSLDLASLILYAYQLSTALAYLESKRFVHRDIAARNVLVSSNDCVKLGDF
GLSRYMEDSTYYKASKGKLPIKWMAPESINFRRFTSASDVWMFGVCMWEILMHGVKPFQGVKNNDVIGRIENGERLPMPP
NCPPTLYSLMTKCWAYDPSRRPRFTELKAQLSTILEEEKAQ
;
_entity_poly.pdbx_strand_id   A
#
# COMPACT_ATOMS: atom_id res chain seq x y z
N ASP A 9 -2.99 -26.69 4.84
CA ASP A 9 -4.27 -25.92 4.80
C ASP A 9 -4.28 -24.95 3.59
N TYR A 10 -3.23 -24.14 3.48
CA TYR A 10 -2.99 -23.39 2.25
C TYR A 10 -1.61 -23.74 1.65
N GLU A 11 -1.14 -24.95 1.97
CA GLU A 11 0.03 -25.53 1.28
C GLU A 11 -0.45 -25.99 -0.09
N ILE A 12 0.22 -25.50 -1.13
CA ILE A 12 -0.19 -25.76 -2.51
C ILE A 12 0.81 -26.76 -3.10
N GLN A 13 0.28 -27.74 -3.82
CA GLN A 13 1.13 -28.71 -4.51
C GLN A 13 1.79 -27.99 -5.69
N ARG A 14 3.10 -28.16 -5.84
CA ARG A 14 3.82 -27.35 -6.82
C ARG A 14 3.35 -27.58 -8.25
N GLU A 15 2.89 -28.79 -8.55
CA GLU A 15 2.45 -29.09 -9.91
C GLU A 15 1.18 -28.35 -10.31
N ARG A 16 0.51 -27.72 -9.35
CA ARG A 16 -0.64 -26.87 -9.65
C ARG A 16 -0.26 -25.44 -10.02
N ILE A 17 1.03 -25.11 -9.97
CA ILE A 17 1.53 -23.78 -10.30
C ILE A 17 2.39 -23.85 -11.55
N GLU A 18 2.08 -23.02 -12.53
CA GLU A 18 2.97 -22.80 -13.66
C GLU A 18 3.64 -21.44 -13.45
N LEU A 19 4.94 -21.46 -13.23
CA LEU A 19 5.72 -20.25 -13.05
C LEU A 19 5.84 -19.55 -14.41
N GLY A 20 5.57 -18.25 -14.43
CA GLY A 20 5.66 -17.44 -15.63
C GLY A 20 6.79 -16.45 -15.52
N ARG A 21 6.66 -15.34 -16.22
CA ARG A 21 7.73 -14.36 -16.33
C ARG A 21 7.94 -13.58 -15.03
N CYS A 22 9.19 -13.14 -14.82
CA CYS A 22 9.52 -12.27 -13.71
C CYS A 22 8.86 -10.92 -13.93
N ILE A 23 8.07 -10.47 -12.96
CA ILE A 23 7.35 -9.19 -13.06
C ILE A 23 7.88 -8.14 -12.09
N GLY A 24 8.80 -8.52 -11.22
CA GLY A 24 9.33 -7.61 -10.24
C GLY A 24 10.43 -8.22 -9.42
N GLU A 25 11.03 -7.40 -8.56
CA GLU A 25 12.08 -7.82 -7.65
C GLU A 25 11.57 -7.59 -6.23
N GLY A 26 11.81 -8.55 -5.35
CA GLY A 26 11.42 -8.43 -3.95
C GLY A 26 12.64 -8.47 -3.07
N GLN A 27 12.40 -8.28 -1.77
CA GLN A 27 13.46 -8.31 -0.76
C GLN A 27 14.18 -9.67 -0.73
N PHE A 28 13.42 -10.76 -0.88
CA PHE A 28 13.96 -12.11 -0.79
C PHE A 28 14.27 -12.74 -2.15
N GLY A 29 13.76 -12.15 -3.23
CA GLY A 29 13.98 -12.67 -4.58
C GLY A 29 12.98 -12.16 -5.60
N ASP A 30 13.07 -12.67 -6.81
CA ASP A 30 12.21 -12.26 -7.90
C ASP A 30 10.75 -12.61 -7.65
N VAL A 31 9.86 -11.78 -8.18
CA VAL A 31 8.43 -12.03 -8.16
C VAL A 31 8.04 -12.36 -9.58
N HIS A 32 7.25 -13.42 -9.74
CA HIS A 32 6.78 -13.87 -11.03
C HIS A 32 5.27 -13.81 -11.08
N GLN A 33 4.73 -13.70 -12.29
CA GLN A 33 3.34 -14.02 -12.44
C GLN A 33 3.32 -15.49 -12.76
N GLY A 34 2.14 -16.09 -12.63
CA GLY A 34 1.99 -17.51 -12.90
C GLY A 34 0.54 -17.87 -13.00
N ILE A 35 0.28 -19.17 -13.12
CA ILE A 35 -1.08 -19.67 -13.19
C ILE A 35 -1.27 -20.74 -12.13
N TYR A 36 -2.38 -20.67 -11.41
CA TYR A 36 -2.70 -21.65 -10.38
C TYR A 36 -3.92 -22.45 -10.83
N MET A 37 -3.73 -23.76 -10.94
CA MET A 37 -4.78 -24.68 -11.35
C MET A 37 -5.38 -25.32 -10.10
N SER A 38 -6.61 -24.95 -9.75
CA SER A 38 -7.27 -25.50 -8.56
C SER A 38 -8.65 -26.07 -8.93
N PRO A 39 -9.31 -26.75 -7.98
CA PRO A 39 -10.67 -27.25 -8.23
C PRO A 39 -11.74 -26.16 -8.22
N ASN A 41 -11.30 -23.05 -10.06
CA ASN A 41 -10.76 -22.26 -11.21
C ASN A 41 -9.59 -22.99 -11.89
N PRO A 42 -9.71 -23.28 -13.20
CA PRO A 42 -8.66 -24.02 -13.91
C PRO A 42 -7.41 -23.19 -14.28
N ALA A 43 -7.54 -21.87 -14.30
CA ALA A 43 -6.43 -21.01 -14.73
C ALA A 43 -6.48 -19.63 -14.06
N LEU A 44 -6.20 -19.61 -12.76
CA LEU A 44 -6.19 -18.38 -11.98
C LEU A 44 -4.82 -17.71 -12.09
N ALA A 45 -4.79 -16.45 -12.48
CA ALA A 45 -3.53 -15.70 -12.56
C ALA A 45 -3.08 -15.35 -11.15
N VAL A 46 -1.82 -15.63 -10.85
CA VAL A 46 -1.28 -15.43 -9.51
C VAL A 46 0.06 -14.77 -9.57
N ALA A 47 0.43 -14.15 -8.44
CA ALA A 47 1.77 -13.66 -8.22
C ALA A 47 2.48 -14.67 -7.33
N ILE A 48 3.75 -14.91 -7.64
CA ILE A 48 4.56 -15.89 -6.93
C ILE A 48 5.83 -15.20 -6.47
N LYS A 49 5.98 -15.08 -5.16
CA LYS A 49 7.15 -14.50 -4.56
C LYS A 49 8.12 -15.64 -4.33
N THR A 50 9.34 -15.48 -4.83
CA THR A 50 10.40 -16.48 -4.68
C THR A 50 11.42 -15.99 -3.68
N CYS A 51 12.28 -16.91 -3.24
CA CYS A 51 13.22 -16.63 -2.20
C CYS A 51 14.55 -17.31 -2.52
N LYS A 52 15.53 -16.50 -2.90
CA LYS A 52 16.86 -16.97 -3.31
C LYS A 52 17.57 -17.83 -2.27
N ASN A 53 17.50 -17.41 -1.00
CA ASN A 53 18.27 -18.05 0.06
C ASN A 53 17.43 -18.82 1.10
N CYS A 54 16.24 -19.26 0.71
CA CYS A 54 15.35 -19.97 1.64
C CYS A 54 15.80 -21.42 1.90
N THR A 55 16.92 -21.82 1.31
CA THR A 55 17.59 -23.08 1.68
C THR A 55 18.10 -23.01 3.13
N SER A 56 18.35 -21.78 3.60
CA SER A 56 18.65 -21.54 5.01
C SER A 56 17.34 -21.29 5.76
N ASP A 57 17.14 -22.04 6.84
CA ASP A 57 15.89 -21.97 7.60
C ASP A 57 15.66 -20.61 8.24
N SER A 58 16.74 -19.91 8.60
CA SER A 58 16.61 -18.58 9.21
C SER A 58 15.97 -17.59 8.24
N VAL A 59 16.31 -17.73 6.95
CA VAL A 59 15.73 -16.90 5.91
C VAL A 59 14.30 -17.37 5.62
N ARG A 60 14.11 -18.69 5.54
CA ARG A 60 12.79 -19.26 5.30
C ARG A 60 11.75 -18.80 6.33
N GLU A 61 12.13 -18.80 7.61
CA GLU A 61 11.23 -18.38 8.68
C GLU A 61 10.77 -16.94 8.49
N LYS A 62 11.70 -16.06 8.14
CA LYS A 62 11.40 -14.63 7.96
C LYS A 62 10.56 -14.40 6.70
N PHE A 63 10.93 -15.07 5.62
CA PHE A 63 10.18 -14.96 4.34
C PHE A 63 8.73 -15.36 4.54
N LEU A 64 8.51 -16.49 5.20
CA LEU A 64 7.17 -17.07 5.34
C LEU A 64 6.32 -16.33 6.38
N GLN A 65 6.94 -15.43 7.12
CA GLN A 65 6.22 -14.58 8.06
C GLN A 65 5.25 -13.65 7.36
N GLU A 66 5.62 -13.13 6.18
CA GLU A 66 4.71 -12.30 5.39
C GLU A 66 3.43 -13.06 5.12
N ALA A 67 3.54 -14.35 4.83
CA ALA A 67 2.37 -15.16 4.53
C ALA A 67 1.50 -15.35 5.77
N LEU A 68 2.12 -15.65 6.91
CA LEU A 68 1.38 -15.80 8.16
C LEU A 68 0.63 -14.52 8.51
N THR A 69 1.31 -13.38 8.37
CA THR A 69 0.69 -12.07 8.58
C THR A 69 -0.50 -11.83 7.67
N MET A 70 -0.33 -12.09 6.37
CA MET A 70 -1.39 -11.85 5.39
C MET A 70 -2.59 -12.75 5.58
N ARG A 71 -2.36 -13.96 6.09
CA ARG A 71 -3.43 -14.93 6.28
C ARG A 71 -4.53 -14.41 7.21
N GLN A 72 -4.17 -13.51 8.13
CA GLN A 72 -5.11 -13.00 9.14
C GLN A 72 -6.07 -11.94 8.58
N PHE A 73 -5.81 -11.47 7.36
CA PHE A 73 -6.62 -10.40 6.77
C PHE A 73 -7.49 -10.90 5.64
N ASP A 74 -8.69 -10.33 5.55
CA ASP A 74 -9.60 -10.64 4.47
C ASP A 74 -10.36 -9.37 4.12
N HIS A 75 -9.86 -8.65 3.13
CA HIS A 75 -10.47 -7.40 2.73
C HIS A 75 -10.33 -7.22 1.23
N PRO A 76 -11.34 -6.63 0.57
CA PRO A 76 -11.25 -6.41 -0.87
C PRO A 76 -10.08 -5.54 -1.34
N HIS A 77 -9.53 -4.68 -0.48
CA HIS A 77 -8.45 -3.80 -0.85
C HIS A 77 -7.15 -4.10 -0.14
N ILE A 78 -6.99 -5.38 0.24
CA ILE A 78 -5.72 -5.90 0.76
C ILE A 78 -5.41 -7.15 -0.05
N VAL A 79 -4.17 -7.25 -0.53
CA VAL A 79 -3.74 -8.38 -1.34
C VAL A 79 -3.97 -9.67 -0.57
N LYS A 80 -4.60 -10.65 -1.23
CA LYS A 80 -4.91 -11.93 -0.61
C LYS A 80 -3.80 -12.94 -0.80
N LEU A 81 -3.50 -13.64 0.28
CA LEU A 81 -2.67 -14.84 0.22
C LEU A 81 -3.50 -16.01 -0.31
N ILE A 82 -2.96 -16.68 -1.33
CA ILE A 82 -3.62 -17.85 -1.90
C ILE A 82 -3.03 -19.11 -1.27
N GLY A 83 -1.71 -19.14 -1.11
CA GLY A 83 -1.06 -20.26 -0.44
C GLY A 83 0.45 -20.17 -0.42
N VAL A 84 1.07 -21.23 0.06
CA VAL A 84 2.52 -21.32 0.15
C VAL A 84 3.04 -22.68 -0.30
N ILE A 85 4.31 -22.72 -0.68
CA ILE A 85 5.04 -23.96 -0.92
C ILE A 85 6.26 -23.88 -0.03
N THR A 86 6.32 -24.73 1.00
CA THR A 86 7.29 -24.53 2.06
C THR A 86 8.56 -25.37 1.96
N GLU A 87 8.69 -26.16 0.89
CA GLU A 87 9.96 -26.84 0.58
C GLU A 87 10.64 -26.12 -0.60
N ASN A 88 11.96 -26.29 -0.70
CA ASN A 88 12.78 -25.58 -1.70
C ASN A 88 12.40 -25.98 -3.12
N PRO A 89 12.22 -25.00 -4.02
CA PRO A 89 12.24 -23.55 -3.79
C PRO A 89 10.97 -23.06 -3.11
N VAL A 90 11.13 -22.34 -2.02
CA VAL A 90 10.02 -21.86 -1.20
C VAL A 90 9.32 -20.70 -1.90
N TRP A 91 8.00 -20.80 -2.06
CA TRP A 91 7.21 -19.76 -2.74
C TRP A 91 6.05 -19.31 -1.90
N ILE A 92 5.67 -18.04 -2.07
CA ILE A 92 4.42 -17.52 -1.51
C ILE A 92 3.54 -17.17 -2.71
N ILE A 93 2.32 -17.70 -2.73
CA ILE A 93 1.39 -17.51 -3.83
C ILE A 93 0.31 -16.50 -3.40
N MET A 94 0.17 -15.44 -4.17
CA MET A 94 -0.80 -14.35 -3.88
C MET A 94 -1.68 -14.03 -5.08
N GLU A 95 -2.83 -13.38 -4.88
CA GLU A 95 -3.60 -12.93 -6.02
C GLU A 95 -2.73 -11.98 -6.81
N LEU A 96 -2.82 -12.05 -8.14
CA LEU A 96 -2.07 -11.16 -9.01
C LEU A 96 -2.82 -9.83 -9.10
N CYS A 97 -2.09 -8.74 -8.88
CA CYS A 97 -2.58 -7.39 -9.17
C CYS A 97 -1.97 -7.08 -10.52
N THR A 98 -2.78 -7.32 -11.55
CA THR A 98 -2.34 -7.37 -12.94
C THR A 98 -1.69 -6.08 -13.45
N LEU A 99 -2.09 -4.93 -12.94
CA LEU A 99 -1.59 -3.67 -13.47
C LEU A 99 -0.38 -3.14 -12.69
N GLY A 100 0.11 -3.93 -11.74
CA GLY A 100 1.39 -3.68 -11.10
C GLY A 100 1.43 -2.58 -10.07
N GLU A 101 2.60 -1.99 -9.91
CA GLU A 101 2.84 -0.99 -8.86
C GLU A 101 2.10 0.30 -9.12
N LEU A 102 1.50 0.87 -8.07
CA LEU A 102 0.76 2.11 -8.21
C LEU A 102 1.54 3.30 -8.75
N ARG A 103 2.76 3.52 -8.25
CA ARG A 103 3.51 4.69 -8.69
C ARG A 103 3.73 4.67 -10.21
N SER A 104 4.20 3.53 -10.74
CA SER A 104 4.43 3.42 -12.17
C SER A 104 3.13 3.61 -12.95
N PHE A 105 2.05 3.03 -12.43
CA PHE A 105 0.73 3.14 -13.06
C PHE A 105 0.28 4.59 -13.18
N LEU A 106 0.41 5.33 -12.08
CA LEU A 106 0.00 6.72 -12.08
C LEU A 106 0.88 7.60 -12.96
N GLN A 107 2.17 7.29 -13.03
CA GLN A 107 3.10 8.10 -13.80
C GLN A 107 2.77 8.04 -15.29
N VAL A 108 2.49 6.85 -15.81
CA VAL A 108 2.23 6.71 -17.25
C VAL A 108 0.81 7.17 -17.63
N ARG A 109 -0.06 7.37 -16.64
CA ARG A 109 -1.44 7.79 -16.86
C ARG A 109 -1.70 9.16 -16.26
N LYS A 110 -0.62 9.92 -16.11
CA LYS A 110 -0.70 11.26 -15.57
C LYS A 110 -1.76 12.07 -16.29
N TYR A 111 -1.81 11.94 -17.62
CA TYR A 111 -2.73 12.71 -18.43
C TYR A 111 -3.95 11.91 -18.92
N SER A 112 -4.22 10.72 -18.36
CA SER A 112 -5.33 9.86 -18.81
C SER A 112 -6.24 9.22 -17.73
N LEU A 113 -5.91 9.36 -16.45
CA LEU A 113 -6.82 8.96 -15.37
C LEU A 113 -7.56 10.19 -14.92
N ASP A 114 -8.87 10.12 -14.84
CA ASP A 114 -9.58 11.29 -14.34
C ASP A 114 -9.47 11.35 -12.82
N LEU A 115 -9.79 12.54 -12.34
CA LEU A 115 -9.69 12.83 -10.94
C LEU A 115 -10.53 11.87 -10.10
N ALA A 116 -11.71 11.51 -10.60
CA ALA A 116 -12.55 10.56 -9.87
C ALA A 116 -11.85 9.24 -9.57
N SER A 117 -11.01 8.76 -10.49
CA SER A 117 -10.28 7.52 -10.27
C SER A 117 -9.22 7.69 -9.18
N LEU A 118 -8.50 8.80 -9.21
CA LEU A 118 -7.50 9.10 -8.17
C LEU A 118 -8.16 9.12 -6.79
N ILE A 119 -9.32 9.77 -6.69
CA ILE A 119 -10.02 9.86 -5.42
C ILE A 119 -10.54 8.48 -5.02
N LEU A 120 -11.02 7.70 -5.99
CA LEU A 120 -11.45 6.35 -5.72
C LEU A 120 -10.33 5.51 -5.08
N TYR A 121 -9.11 5.63 -5.60
CA TYR A 121 -7.98 4.87 -5.03
C TYR A 121 -7.77 5.25 -3.57
N ALA A 122 -7.79 6.54 -3.28
CA ALA A 122 -7.66 7.01 -1.90
C ALA A 122 -8.77 6.43 -1.04
N TYR A 123 -10.01 6.51 -1.53
CA TYR A 123 -11.14 5.96 -0.79
C TYR A 123 -10.95 4.47 -0.49
N GLN A 124 -10.59 3.71 -1.52
CA GLN A 124 -10.42 2.26 -1.37
C GLN A 124 -9.34 1.94 -0.33
N LEU A 125 -8.21 2.63 -0.38
CA LEU A 125 -7.18 2.44 0.60
C LEU A 125 -7.69 2.78 1.99
N SER A 126 -8.48 3.85 2.13
CA SER A 126 -9.01 4.20 3.44
C SER A 126 -9.89 3.08 3.99
N THR A 127 -10.60 2.36 3.14
CA THR A 127 -11.44 1.26 3.61
C THR A 127 -10.57 0.13 4.14
N ALA A 128 -9.47 -0.16 3.45
CA ALA A 128 -8.53 -1.17 3.92
C ALA A 128 -7.93 -0.76 5.27
N LEU A 129 -7.61 0.52 5.41
CA LEU A 129 -6.94 1.00 6.60
C LEU A 129 -7.90 1.13 7.78
N ALA A 130 -9.15 1.48 7.51
CA ALA A 130 -10.16 1.45 8.59
C ALA A 130 -10.34 0.00 9.07
N TYR A 131 -10.30 -0.93 8.14
CA TYR A 131 -10.34 -2.36 8.49
C TYR A 131 -9.13 -2.73 9.34
N LEU A 132 -7.92 -2.35 8.94
CA LEU A 132 -6.77 -2.66 9.75
C LEU A 132 -6.82 -2.03 11.14
N GLU A 133 -7.26 -0.77 11.21
CA GLU A 133 -7.42 -0.10 12.50
C GLU A 133 -8.41 -0.87 13.40
N SER A 134 -9.48 -1.39 12.81
CA SER A 134 -10.48 -2.12 13.60
C SER A 134 -9.94 -3.48 14.08
N LYS A 135 -8.93 -3.99 13.40
CA LYS A 135 -8.20 -5.21 13.78
C LYS A 135 -7.03 -4.92 14.71
N ARG A 136 -6.86 -3.66 15.10
CA ARG A 136 -5.78 -3.20 15.96
C ARG A 136 -4.40 -3.54 15.37
N PHE A 137 -4.30 -3.36 14.06
CA PHE A 137 -3.09 -3.62 13.31
C PHE A 137 -2.49 -2.32 12.82
N VAL A 138 -1.27 -2.05 13.25
CA VAL A 138 -0.53 -0.86 12.82
C VAL A 138 0.42 -1.27 11.70
N HIS A 139 0.30 -0.60 10.56
CA HIS A 139 1.02 -0.98 9.35
C HIS A 139 2.47 -0.50 9.34
N ARG A 140 2.68 0.78 9.65
CA ARG A 140 3.98 1.44 9.77
C ARG A 140 4.65 1.86 8.48
N ASP A 141 4.05 1.58 7.34
CA ASP A 141 4.72 1.86 6.07
C ASP A 141 3.73 2.12 4.95
N ILE A 142 2.80 3.03 5.23
CA ILE A 142 1.82 3.40 4.24
C ILE A 142 2.43 4.42 3.28
N ALA A 143 2.46 4.04 2.01
CA ALA A 143 3.13 4.79 0.96
C ALA A 143 2.70 4.22 -0.36
N ALA A 144 2.74 5.03 -1.41
CA ALA A 144 2.27 4.56 -2.71
C ALA A 144 3.12 3.40 -3.23
N ARG A 145 4.40 3.34 -2.83
CA ARG A 145 5.25 2.19 -3.18
C ARG A 145 4.70 0.84 -2.75
N ASN A 146 3.84 0.81 -1.75
CA ASN A 146 3.26 -0.41 -1.20
C ASN A 146 1.82 -0.68 -1.61
N VAL A 147 1.38 0.00 -2.66
CA VAL A 147 0.07 -0.20 -3.22
C VAL A 147 0.21 -0.78 -4.63
N LEU A 148 -0.67 -1.73 -4.92
CA LEU A 148 -0.72 -2.42 -6.21
C LEU A 148 -2.05 -2.15 -6.87
N VAL A 149 -2.08 -2.33 -8.19
CA VAL A 149 -3.25 -2.03 -8.99
C VAL A 149 -3.81 -3.30 -9.59
N SER A 150 -5.02 -3.66 -9.17
CA SER A 150 -5.69 -4.84 -9.67
C SER A 150 -6.41 -4.55 -11.00
N SER A 151 -7.01 -3.38 -11.12
CA SER A 151 -7.71 -3.00 -12.32
C SER A 151 -7.79 -1.48 -12.28
N ASN A 152 -8.25 -0.88 -13.38
CA ASN A 152 -8.32 0.58 -13.44
C ASN A 152 -9.23 1.17 -12.36
N ASP A 153 -10.09 0.34 -11.77
CA ASP A 153 -10.96 0.79 -10.70
C ASP A 153 -10.74 0.06 -9.39
N CYS A 154 -9.53 -0.47 -9.16
CA CYS A 154 -9.31 -1.21 -7.93
C CYS A 154 -7.84 -1.28 -7.56
N VAL A 155 -7.49 -0.71 -6.41
CA VAL A 155 -6.14 -0.83 -5.83
C VAL A 155 -6.18 -1.61 -4.54
N LYS A 156 -5.03 -2.19 -4.16
CA LYS A 156 -4.93 -2.97 -2.95
C LYS A 156 -3.63 -2.70 -2.25
N LEU A 157 -3.68 -2.70 -0.93
CA LEU A 157 -2.51 -2.56 -0.10
C LEU A 157 -1.74 -3.87 -0.17
N GLY A 158 -0.44 -3.76 -0.41
CA GLY A 158 0.42 -4.93 -0.61
C GLY A 158 1.24 -5.23 0.62
N ASP A 159 2.50 -4.77 0.60
CA ASP A 159 3.60 -5.13 1.55
C ASP A 159 3.31 -6.12 2.72
N PHE A 160 3.22 -5.62 3.96
CA PHE A 160 3.17 -6.48 5.17
C PHE A 160 4.35 -7.46 5.27
N LEU A 179 15.00 4.09 6.92
CA LEU A 179 13.63 4.51 7.36
C LEU A 179 12.96 5.44 6.35
N PRO A 180 11.64 5.25 6.15
CA PRO A 180 10.92 6.15 5.25
C PRO A 180 10.56 7.49 5.90
N ILE A 181 11.59 8.26 6.24
CA ILE A 181 11.45 9.50 7.00
C ILE A 181 10.44 10.47 6.38
N LYS A 182 10.48 10.59 5.05
CA LYS A 182 9.62 11.56 4.35
C LYS A 182 8.14 11.23 4.41
N TRP A 183 7.79 10.02 4.86
CA TRP A 183 6.42 9.58 5.05
C TRP A 183 6.00 9.52 6.50
N MET A 184 6.96 9.56 7.42
CA MET A 184 6.71 9.25 8.81
C MET A 184 6.15 10.39 9.63
N ALA A 185 5.30 10.06 10.59
CA ALA A 185 4.76 11.05 11.51
C ALA A 185 5.90 11.53 12.42
N PRO A 186 5.81 12.79 12.90
CA PRO A 186 6.87 13.34 13.75
C PRO A 186 7.16 12.46 14.97
N GLU A 187 6.13 11.91 15.60
CA GLU A 187 6.35 11.07 16.77
C GLU A 187 7.07 9.75 16.46
N SER A 188 6.89 9.26 15.24
CA SER A 188 7.59 8.08 14.76
C SER A 188 9.09 8.41 14.56
N ILE A 189 9.35 9.55 13.93
CA ILE A 189 10.72 10.04 13.68
C ILE A 189 11.44 10.29 15.01
N ASN A 190 10.79 11.07 15.88
CA ASN A 190 11.41 11.53 17.14
C ASN A 190 11.53 10.42 18.20
N PHE A 191 10.48 9.60 18.35
CA PHE A 191 10.37 8.70 19.51
C PHE A 191 10.01 7.25 19.16
N ARG A 192 10.03 6.92 17.88
CA ARG A 192 9.71 5.58 17.41
C ARG A 192 8.33 5.12 17.91
N ARG A 193 7.42 6.09 18.04
CA ARG A 193 6.01 5.79 18.37
C ARG A 193 5.27 5.42 17.09
N PHE A 194 4.60 4.26 17.08
CA PHE A 194 3.79 3.84 15.93
C PHE A 194 2.42 3.42 16.42
N THR A 195 1.40 4.07 15.88
CA THR A 195 0.02 3.83 16.26
C THR A 195 -0.82 3.99 14.99
N SER A 196 -2.11 3.70 15.09
CA SER A 196 -2.95 3.98 13.95
C SER A 196 -2.92 5.46 13.58
N ALA A 197 -2.73 6.37 14.55
CA ALA A 197 -2.63 7.79 14.22
C ALA A 197 -1.36 8.14 13.44
N SER A 198 -0.27 7.43 13.68
CA SER A 198 0.90 7.65 12.83
C SER A 198 0.66 7.06 11.44
N ASP A 199 -0.08 5.95 11.32
CA ASP A 199 -0.49 5.41 10.01
C ASP A 199 -1.31 6.47 9.26
N VAL A 200 -2.17 7.20 9.97
CA VAL A 200 -2.99 8.23 9.35
C VAL A 200 -2.12 9.32 8.73
N TRP A 201 -1.07 9.78 9.44
CA TRP A 201 -0.12 10.74 8.86
C TRP A 201 0.45 10.19 7.52
N MET A 202 0.95 8.97 7.56
CA MET A 202 1.52 8.32 6.39
C MET A 202 0.49 8.24 5.27
N PHE A 203 -0.74 7.89 5.60
CA PHE A 203 -1.81 7.82 4.61
C PHE A 203 -2.05 9.20 3.96
N GLY A 204 -1.96 10.28 4.73
CA GLY A 204 -2.01 11.63 4.15
C GLY A 204 -0.98 11.80 3.05
N VAL A 205 0.24 11.36 3.35
CA VAL A 205 1.33 11.43 2.37
C VAL A 205 1.00 10.57 1.15
N CYS A 206 0.51 9.35 1.38
CA CYS A 206 0.13 8.46 0.28
C CYS A 206 -0.95 9.12 -0.61
N MET A 207 -1.96 9.77 0.00
CA MET A 207 -2.97 10.48 -0.78
C MET A 207 -2.36 11.57 -1.63
N TRP A 208 -1.44 12.32 -1.04
CA TRP A 208 -0.69 13.35 -1.77
C TRP A 208 0.03 12.74 -2.98
N GLU A 209 0.71 11.62 -2.77
CA GLU A 209 1.40 10.90 -3.85
C GLU A 209 0.46 10.57 -4.98
N ILE A 210 -0.71 10.06 -4.65
CA ILE A 210 -1.71 9.70 -5.67
C ILE A 210 -2.13 10.93 -6.48
N LEU A 211 -2.46 12.01 -5.80
CA LEU A 211 -2.90 13.22 -6.49
C LEU A 211 -1.78 13.92 -7.25
N MET A 212 -0.54 13.58 -6.91
CA MET A 212 0.67 14.01 -7.64
C MET A 212 1.08 13.05 -8.75
N HIS A 213 0.28 12.03 -9.02
CA HIS A 213 0.56 11.09 -10.12
C HIS A 213 1.86 10.32 -9.89
N GLY A 214 2.12 9.96 -8.64
CA GLY A 214 3.26 9.12 -8.32
C GLY A 214 4.60 9.81 -8.15
N VAL A 215 4.59 11.10 -7.85
CA VAL A 215 5.79 11.84 -7.46
C VAL A 215 6.04 11.58 -5.98
N LYS A 216 7.31 11.41 -5.60
CA LYS A 216 7.67 11.21 -4.20
C LYS A 216 7.61 12.54 -3.43
N PRO A 217 7.28 12.47 -2.12
CA PRO A 217 7.28 13.68 -1.30
C PRO A 217 8.71 14.17 -1.02
N PHE A 218 8.83 15.47 -0.89
CA PHE A 218 10.07 16.11 -0.42
C PHE A 218 11.29 15.76 -1.27
N GLN A 219 11.08 15.72 -2.59
CA GLN A 219 12.17 15.47 -3.52
C GLN A 219 13.23 16.56 -3.34
N GLY A 220 14.49 16.15 -3.33
CA GLY A 220 15.60 17.08 -3.15
C GLY A 220 15.81 17.62 -1.74
N VAL A 221 15.06 17.08 -0.77
CA VAL A 221 15.20 17.44 0.63
C VAL A 221 15.89 16.30 1.37
N LYS A 222 16.89 16.62 2.19
CA LYS A 222 17.57 15.60 2.98
C LYS A 222 16.66 15.08 4.09
N ASN A 223 16.70 13.76 4.31
CA ASN A 223 15.91 13.11 5.36
C ASN A 223 16.02 13.80 6.71
N ASN A 224 17.26 14.09 7.12
CA ASN A 224 17.53 14.77 8.40
C ASN A 224 16.84 16.14 8.55
N ASP A 225 16.55 16.78 7.43
CA ASP A 225 15.88 18.09 7.43
C ASP A 225 14.34 18.04 7.45
N VAL A 226 13.76 16.86 7.29
CA VAL A 226 12.31 16.77 7.20
C VAL A 226 11.59 17.24 8.47
N ILE A 227 12.06 16.76 9.61
CA ILE A 227 11.36 17.02 10.87
C ILE A 227 11.42 18.53 11.12
N GLY A 228 12.53 19.19 10.75
CA GLY A 228 12.66 20.64 10.95
C GLY A 228 11.62 21.43 10.20
N ARG A 229 11.40 21.07 8.94
CA ARG A 229 10.39 21.73 8.10
C ARG A 229 9.00 21.52 8.72
N ILE A 230 8.70 20.28 9.08
CA ILE A 230 7.42 19.92 9.74
C ILE A 230 7.23 20.74 11.01
N GLU A 231 8.29 20.82 11.81
CA GLU A 231 8.20 21.53 13.07
C GLU A 231 8.03 23.03 12.89
N ASN A 232 8.50 23.56 11.75
CA ASN A 232 8.31 24.96 11.35
C ASN A 232 6.90 25.22 10.85
N GLY A 233 6.09 24.18 10.74
CA GLY A 233 4.70 24.30 10.29
C GLY A 233 4.50 24.04 8.82
N GLU A 234 5.58 23.75 8.09
CA GLU A 234 5.49 23.51 6.67
C GLU A 234 4.89 22.15 6.40
N ARG A 235 4.19 22.05 5.28
CA ARG A 235 3.58 20.81 4.84
C ARG A 235 3.71 20.68 3.32
N LEU A 236 3.54 19.47 2.84
CA LEU A 236 3.48 19.24 1.39
C LEU A 236 2.39 20.11 0.80
N PRO A 237 2.64 20.70 -0.38
CA PRO A 237 1.69 21.63 -0.94
C PRO A 237 0.51 20.99 -1.64
N MET A 238 -0.51 21.77 -1.93
CA MET A 238 -1.67 21.28 -2.65
C MET A 238 -1.24 20.84 -4.05
N PRO A 239 -1.51 19.57 -4.39
CA PRO A 239 -1.17 19.14 -5.74
C PRO A 239 -1.95 19.89 -6.81
N PRO A 240 -1.30 20.13 -7.96
CA PRO A 240 -2.03 20.74 -9.06
C PRO A 240 -3.31 19.98 -9.35
N ASN A 241 -4.40 20.72 -9.51
CA ASN A 241 -5.71 20.16 -9.88
C ASN A 241 -6.42 19.35 -8.75
N CYS A 242 -5.83 19.32 -7.55
CA CYS A 242 -6.46 18.64 -6.42
C CYS A 242 -7.61 19.48 -5.83
N PRO A 243 -8.80 18.88 -5.64
CA PRO A 243 -9.88 19.64 -4.97
C PRO A 243 -9.44 20.16 -3.61
N PRO A 244 -9.71 21.43 -3.30
CA PRO A 244 -9.33 21.92 -1.97
C PRO A 244 -9.89 21.13 -0.79
N THR A 245 -11.10 20.56 -0.92
CA THR A 245 -11.67 19.76 0.15
C THR A 245 -10.77 18.55 0.43
N LEU A 246 -10.20 17.98 -0.63
CA LEU A 246 -9.36 16.80 -0.49
C LEU A 246 -7.99 17.18 0.10
N TYR A 247 -7.42 18.30 -0.37
CA TYR A 247 -6.19 18.74 0.24
C TYR A 247 -6.39 19.05 1.72
N SER A 248 -7.50 19.69 2.07
CA SER A 248 -7.81 19.92 3.47
C SER A 248 -7.80 18.63 4.28
N LEU A 249 -8.41 17.59 3.74
CA LEU A 249 -8.42 16.31 4.42
C LEU A 249 -6.98 15.82 4.63
N MET A 250 -6.13 15.95 3.62
CA MET A 250 -4.70 15.57 3.75
C MET A 250 -4.09 16.32 4.93
N THR A 251 -4.36 17.63 5.00
CA THR A 251 -3.72 18.43 6.04
C THR A 251 -4.18 18.04 7.45
N LYS A 252 -5.39 17.52 7.56
CA LYS A 252 -5.88 17.04 8.83
C LYS A 252 -5.11 15.80 9.29
N CYS A 253 -4.70 15.01 8.32
CA CYS A 253 -3.83 13.87 8.61
C CYS A 253 -2.48 14.28 9.15
N TRP A 254 -2.07 15.51 8.85
CA TRP A 254 -0.76 16.02 9.22
C TRP A 254 -0.81 16.99 10.41
N ALA A 255 -1.81 16.82 11.29
CA ALA A 255 -1.77 17.50 12.59
C ALA A 255 -0.53 17.00 13.34
N TYR A 256 0.24 17.92 13.92
CA TYR A 256 1.44 17.53 14.63
C TYR A 256 1.07 16.62 15.82
N ASP A 257 0.01 17.00 16.53
CA ASP A 257 -0.50 16.21 17.65
C ASP A 257 -1.33 15.04 17.13
N PRO A 258 -0.85 13.80 17.36
CA PRO A 258 -1.59 12.65 16.80
C PRO A 258 -3.05 12.55 17.23
N SER A 259 -3.37 13.05 18.43
CA SER A 259 -4.73 12.96 18.93
C SER A 259 -5.71 13.83 18.15
N ARG A 260 -5.18 14.77 17.35
CA ARG A 260 -6.02 15.67 16.58
C ARG A 260 -6.24 15.19 15.14
N ARG A 261 -5.59 14.10 14.77
CA ARG A 261 -5.79 13.52 13.44
C ARG A 261 -7.11 12.76 13.38
N PRO A 262 -7.76 12.74 12.20
CA PRO A 262 -8.93 11.86 12.08
C PRO A 262 -8.57 10.38 12.20
N ARG A 263 -9.51 9.57 12.64
CA ARG A 263 -9.38 8.12 12.57
C ARG A 263 -9.63 7.69 11.12
N PHE A 264 -9.16 6.51 10.75
CA PHE A 264 -9.40 6.03 9.40
C PHE A 264 -10.89 5.96 9.03
N THR A 265 -11.76 5.60 9.98
CA THR A 265 -13.19 5.54 9.63
C THR A 265 -13.72 6.91 9.23
N GLU A 266 -13.21 7.99 9.84
CA GLU A 266 -13.60 9.35 9.46
C GLU A 266 -13.05 9.72 8.09
N LEU A 267 -11.81 9.32 7.81
CA LEU A 267 -11.27 9.56 6.47
C LEU A 267 -12.11 8.87 5.40
N LYS A 268 -12.51 7.64 5.68
CA LYS A 268 -13.35 6.86 4.76
C LYS A 268 -14.66 7.60 4.48
N ALA A 269 -15.30 8.09 5.54
CA ALA A 269 -16.55 8.81 5.39
C ALA A 269 -16.40 10.09 4.56
N GLN A 270 -15.34 10.86 4.84
CA GLN A 270 -15.13 12.08 4.10
C GLN A 270 -14.72 11.82 2.65
N LEU A 271 -13.90 10.80 2.44
CA LEU A 271 -13.50 10.47 1.08
C LEU A 271 -14.70 9.99 0.24
N SER A 272 -15.62 9.28 0.86
CA SER A 272 -16.84 8.86 0.14
C SER A 272 -17.57 10.09 -0.39
N THR A 273 -17.71 11.10 0.45
CA THR A 273 -18.40 12.33 0.06
C THR A 273 -17.65 13.06 -1.06
N ILE A 274 -16.32 13.14 -0.94
CA ILE A 274 -15.50 13.83 -1.94
C ILE A 274 -15.58 13.09 -3.27
N LEU A 275 -15.54 11.76 -3.21
CA LEU A 275 -15.68 10.91 -4.38
C LEU A 275 -17.02 11.09 -5.08
N GLU A 276 -18.10 11.03 -4.31
CA GLU A 276 -19.43 11.21 -4.89
C GLU A 276 -19.59 12.59 -5.52
N GLU A 277 -19.06 13.62 -4.87
CA GLU A 277 -19.08 14.99 -5.43
C GLU A 277 -18.32 15.05 -6.76
N GLU A 278 -17.14 14.43 -6.83
CA GLU A 278 -16.35 14.45 -8.09
C GLU A 278 -17.01 13.65 -9.22
N LYS A 279 -17.62 12.52 -8.86
CA LYS A 279 -18.35 11.69 -9.82
C LYS A 279 -19.50 12.46 -10.43
N ALA A 280 -20.02 13.43 -9.69
CA ALA A 280 -21.14 14.25 -10.15
C ALA A 280 -20.75 15.38 -11.12
N GLN A 281 -19.45 15.67 -11.28
CA GLN A 281 -19.00 16.72 -12.21
C GLN A 281 -19.33 16.41 -13.67
#